data_5CZC
#
_entry.id   5CZC
#
_cell.length_a   45.520
_cell.length_b   74.810
_cell.length_c   84.810
_cell.angle_alpha   90.00
_cell.angle_beta   91.24
_cell.angle_gamma   90.00
#
_symmetry.space_group_name_H-M   'P 1 21 1'
#
loop_
_entity.id
_entity.type
_entity.pdbx_description
1 polymer 'Malonyl-CoA-[acyl-carrier-protein] transacylase'
2 non-polymer GLYCEROL
3 non-polymer 'CALCIUM ION'
4 water water
#
_entity_poly.entity_id   1
_entity_poly.type   'polypeptide(L)'
_entity_poly.pdbx_seq_one_letter_code
;HMNATVETTQHDVEGTGAAGATAMLFPGMGPAAFSDVGRFMVTNRYTRELLAEADDTLGYSLVDRFRQAEGDYSEYAQIA
FLVNCVALARWAEQTMDLTPRICAGASFGEKSVAAYSGALTFADAVRMTAGLARCMDEYFRTEHLGVVTHSFVRAPRERL
DEILAELDERGEWHEISCHIDHDFFMLTLHERNSVWLEGRLRSVGAMPLYAMRPPMHAAAFGGLRDKAEEEVIAPLTFHD
PTLPVVADQDGKVLTTGDEVRTMLLESFVRPLRWPDVISSLQDQGVTRVCVAGPDSLFGRVGTTTRAFEVIAATPRLALQ
PRARTTSR
;
_entity_poly.pdbx_strand_id   A,B
#
# COMPACT_ATOMS: atom_id res chain seq x y z
N GLY A 20 28.26 19.61 26.79
CA GLY A 20 28.17 18.51 25.75
C GLY A 20 26.85 18.53 24.98
N ALA A 21 26.73 17.69 23.97
CA ALA A 21 25.58 17.77 23.08
C ALA A 21 24.40 16.96 23.62
N THR A 22 23.19 17.30 23.12
CA THR A 22 22.01 16.57 23.37
C THR A 22 21.62 15.79 22.12
N ALA A 23 21.23 14.51 22.32
CA ALA A 23 20.78 13.62 21.28
C ALA A 23 19.31 13.25 21.52
N MET A 24 18.53 13.22 20.46
CA MET A 24 17.19 12.71 20.50
C MET A 24 17.18 11.21 20.10
N LEU A 25 16.63 10.40 20.98
CA LEU A 25 16.56 8.96 20.82
C LEU A 25 15.15 8.41 20.75
N PHE A 26 14.93 7.48 19.85
CA PHE A 26 13.64 6.82 19.68
C PHE A 26 13.76 5.34 20.04
N PRO A 27 12.95 4.93 21.03
CA PRO A 27 12.92 3.52 21.43
C PRO A 27 12.30 2.51 20.42
N GLY A 28 12.68 1.27 20.64
CA GLY A 28 12.00 0.08 20.11
C GLY A 28 10.58 0.07 20.67
N MET A 29 9.75 -0.69 20.00
CA MET A 29 8.36 -0.82 20.30
C MET A 29 8.09 -2.05 21.20
N GLY A 30 7.64 -1.83 22.42
CA GLY A 30 7.23 -2.89 23.26
C GLY A 30 5.75 -3.06 23.15
N PRO A 31 5.27 -4.14 23.75
CA PRO A 31 3.84 -4.29 23.68
C PRO A 31 3.29 -3.26 24.69
N ALA A 32 2.13 -2.71 24.39
CA ALA A 32 1.32 -1.95 25.38
C ALA A 32 -0.15 -2.00 24.97
N ALA A 33 -0.99 -1.61 25.93
CA ALA A 33 -2.40 -1.48 25.71
C ALA A 33 -2.67 -0.10 25.14
N PHE A 34 -3.69 -0.02 24.32
CA PHE A 34 -4.30 1.25 24.00
C PHE A 34 -4.52 2.04 25.30
N SER A 35 -4.97 1.36 26.33
CA SER A 35 -5.19 1.97 27.64
C SER A 35 -4.01 2.77 28.23
N ASP A 36 -2.76 2.40 27.96
CA ASP A 36 -1.64 3.19 28.47
C ASP A 36 -1.53 4.57 27.82
N VAL A 37 -2.03 4.74 26.59
CA VAL A 37 -1.75 6.00 25.83
C VAL A 37 -2.94 6.73 25.22
N GLY A 38 -4.12 6.10 25.25
CA GLY A 38 -5.30 6.64 24.57
C GLY A 38 -5.58 8.10 24.91
N ARG A 39 -5.53 8.40 26.21
CA ARG A 39 -5.91 9.72 26.71
C ARG A 39 -4.85 10.71 26.25
N PHE A 40 -3.57 10.33 26.37
CA PHE A 40 -2.50 11.13 25.86
C PHE A 40 -2.74 11.46 24.41
N MET A 41 -3.04 10.47 23.61
CA MET A 41 -3.17 10.64 22.16
C MET A 41 -4.20 11.67 21.69
N VAL A 42 -5.38 11.63 22.32
CA VAL A 42 -6.48 12.50 21.89
C VAL A 42 -6.49 13.83 22.62
N THR A 43 -5.71 13.96 23.69
CA THR A 43 -5.65 15.22 24.43
C THR A 43 -4.42 16.09 24.11
N ASN A 44 -3.27 15.47 23.84
CA ASN A 44 -2.02 16.22 23.61
C ASN A 44 -2.02 16.94 22.28
N ARG A 45 -1.58 18.19 22.29
CA ARG A 45 -1.62 19.00 21.06
C ARG A 45 -0.76 18.40 19.96
N TYR A 46 0.40 17.86 20.32
CA TYR A 46 1.34 17.39 19.31
C TYR A 46 0.85 16.13 18.67
N THR A 47 0.27 15.23 19.45
CA THR A 47 -0.29 13.98 18.90
C THR A 47 -1.49 14.26 17.99
N ARG A 48 -2.36 15.15 18.44
CA ARG A 48 -3.53 15.54 17.65
C ARG A 48 -3.23 16.00 16.23
N GLU A 49 -2.19 16.82 16.05
CA GLU A 49 -1.78 17.26 14.72
C GLU A 49 -1.24 16.11 13.86
N LEU A 50 -0.43 15.24 14.46
CA LEU A 50 0.12 14.11 13.70
C LEU A 50 -0.95 13.04 13.41
N LEU A 51 -1.95 12.95 14.26
CA LEU A 51 -3.06 12.00 14.03
C LEU A 51 -3.90 12.39 12.84
N ALA A 52 -4.10 13.70 12.62
CA ALA A 52 -4.93 14.18 11.51
C ALA A 52 -4.25 13.81 10.21
N GLU A 53 -2.92 13.88 10.24
CA GLU A 53 -2.09 13.70 9.09
C GLU A 53 -2.06 12.22 8.87
N ALA A 54 -1.90 11.45 9.95
CA ALA A 54 -1.99 9.99 9.85
C ALA A 54 -3.34 9.49 9.27
N ASP A 55 -4.47 9.92 9.83
CA ASP A 55 -5.79 9.53 9.34
C ASP A 55 -5.99 9.79 7.86
N ASP A 56 -5.54 10.96 7.38
CA ASP A 56 -5.66 11.25 5.95
C ASP A 56 -4.94 10.28 5.12
N THR A 57 -3.69 9.99 5.56
CA THR A 57 -2.85 9.17 4.79
C THR A 57 -3.45 7.79 4.66
N LEU A 58 -4.00 7.32 5.76
CA LEU A 58 -4.41 5.92 5.95
C LEU A 58 -5.83 5.65 5.50
N GLY A 59 -6.67 6.67 5.51
CA GLY A 59 -8.07 6.51 5.12
C GLY A 59 -8.91 5.92 6.22
N TYR A 60 -8.47 6.07 7.46
CA TYR A 60 -9.16 5.50 8.57
C TYR A 60 -8.81 6.30 9.80
N SER A 61 -9.58 6.11 10.85
CA SER A 61 -9.39 6.76 12.15
C SER A 61 -8.47 5.84 12.96
N LEU A 62 -7.24 6.24 13.01
CA LEU A 62 -6.19 5.42 13.68
C LEU A 62 -6.54 5.14 15.15
N VAL A 63 -7.02 6.17 15.85
CA VAL A 63 -7.30 6.00 17.27
C VAL A 63 -8.38 4.93 17.43
N ASP A 64 -9.38 4.98 16.57
CA ASP A 64 -10.48 4.03 16.70
C ASP A 64 -10.06 2.63 16.34
N ARG A 65 -9.28 2.50 15.27
CA ARG A 65 -8.78 1.16 14.91
C ARG A 65 -7.84 0.59 15.97
N PHE A 66 -6.98 1.43 16.55
CA PHE A 66 -6.02 1.06 17.61
C PHE A 66 -6.76 0.57 18.85
N ARG A 67 -7.75 1.34 19.31
CA ARG A 67 -8.62 0.92 20.40
C ARG A 67 -9.20 -0.50 20.28
N GLN A 68 -9.62 -0.88 19.08
CA GLN A 68 -10.27 -2.12 18.87
C GLN A 68 -9.32 -3.21 18.45
N ALA A 69 -8.06 -2.88 18.23
CA ALA A 69 -7.14 -3.82 17.57
C ALA A 69 -6.85 -5.05 18.39
N GLU A 70 -6.53 -6.15 17.69
CA GLU A 70 -6.11 -7.39 18.33
C GLU A 70 -4.60 -7.38 18.55
N GLY A 71 -4.16 -8.05 19.60
CA GLY A 71 -2.72 -8.35 19.77
C GLY A 71 -1.96 -7.16 20.30
N ASP A 72 -0.65 -7.19 20.17
CA ASP A 72 0.18 -6.08 20.70
C ASP A 72 0.96 -5.33 19.62
N TYR A 73 0.97 -5.88 18.40
CA TYR A 73 1.72 -5.27 17.34
C TYR A 73 0.91 -5.19 16.07
N SER A 74 -0.37 -4.85 16.17
CA SER A 74 -1.16 -4.62 14.96
C SER A 74 -0.57 -3.46 14.17
N GLU A 75 -0.90 -3.41 12.87
CA GLU A 75 -0.64 -2.24 12.06
C GLU A 75 -1.01 -0.98 12.81
N TYR A 76 -2.21 -0.99 13.42
CA TYR A 76 -2.68 0.20 14.11
C TYR A 76 -1.86 0.60 15.32
N ALA A 77 -1.39 -0.41 16.08
CA ALA A 77 -0.53 -0.12 17.23
C ALA A 77 0.86 0.44 16.81
N GLN A 78 1.39 -0.07 15.70
CA GLN A 78 2.63 0.41 15.16
C GLN A 78 2.59 1.88 14.71
N ILE A 79 1.55 2.23 13.92
CA ILE A 79 1.41 3.61 13.52
C ILE A 79 1.21 4.49 14.71
N ALA A 80 0.45 4.01 15.69
CA ALA A 80 0.18 4.85 16.85
C ALA A 80 1.46 5.09 17.67
N PHE A 81 2.36 4.12 17.65
CA PHE A 81 3.62 4.24 18.39
C PHE A 81 4.50 5.29 17.72
N LEU A 82 4.56 5.25 16.38
CA LEU A 82 5.11 6.32 15.51
C LEU A 82 4.64 7.65 15.91
N VAL A 83 3.31 7.80 15.90
CA VAL A 83 2.71 9.07 16.22
C VAL A 83 3.21 9.51 17.57
N ASN A 84 3.08 8.64 18.56
CA ASN A 84 3.43 8.99 19.95
C ASN A 84 4.92 9.38 20.15
N CYS A 85 5.83 8.62 19.55
CA CYS A 85 7.22 8.96 19.73
C CYS A 85 7.64 10.29 19.08
N VAL A 86 7.20 10.52 17.84
CA VAL A 86 7.52 11.76 17.19
C VAL A 86 6.83 12.95 17.92
N ALA A 87 5.61 12.73 18.35
CA ALA A 87 4.90 13.80 19.12
C ALA A 87 5.69 14.17 20.37
N LEU A 88 6.13 13.18 21.13
CA LEU A 88 6.85 13.40 22.40
C LEU A 88 8.22 14.04 22.18
N ALA A 89 8.88 13.69 21.09
CA ALA A 89 10.10 14.37 20.66
C ALA A 89 9.90 15.88 20.42
N ARG A 90 8.83 16.26 19.73
CA ARG A 90 8.55 17.66 19.45
C ARG A 90 8.18 18.38 20.74
N TRP A 91 7.39 17.71 21.54
CA TRP A 91 6.87 18.24 22.80
C TRP A 91 8.04 18.47 23.72
N ALA A 92 8.97 17.53 23.75
CA ALA A 92 10.07 17.64 24.68
C ALA A 92 11.02 18.81 24.27
N GLU A 93 11.27 18.93 22.98
CA GLU A 93 12.16 19.98 22.41
C GLU A 93 11.64 21.36 22.77
N GLN A 94 10.37 21.55 22.47
CA GLN A 94 9.71 22.82 22.64
C GLN A 94 9.58 23.16 24.11
N THR A 95 9.00 22.25 24.88
CA THR A 95 8.71 22.53 26.28
C THR A 95 9.99 22.55 27.12
N MET A 96 11.02 21.79 26.77
CA MET A 96 12.27 21.86 27.53
C MET A 96 13.44 22.58 26.88
N ASP A 97 13.23 23.24 25.76
CA ASP A 97 14.34 23.95 25.07
C ASP A 97 15.54 23.05 24.89
N LEU A 98 15.29 21.93 24.21
CA LEU A 98 16.32 21.08 23.78
C LEU A 98 16.55 21.49 22.32
N THR A 99 17.82 21.48 21.98
CA THR A 99 18.23 21.75 20.64
C THR A 99 19.11 20.53 20.32
N PRO A 100 18.46 19.41 20.01
CA PRO A 100 19.27 18.21 19.75
C PRO A 100 20.20 18.37 18.56
N ARG A 101 21.41 17.82 18.68
CA ARG A 101 22.37 17.93 17.59
C ARG A 101 22.50 16.70 16.74
N ILE A 102 21.94 15.57 17.22
CA ILE A 102 22.09 14.28 16.60
C ILE A 102 20.94 13.39 17.13
N CYS A 103 20.64 12.34 16.41
CA CYS A 103 19.61 11.45 16.77
C CYS A 103 19.88 10.03 16.39
N ALA A 104 19.04 9.15 16.95
CA ALA A 104 19.19 7.73 16.74
C ALA A 104 17.87 7.06 17.10
N GLY A 105 17.59 5.98 16.39
CA GLY A 105 16.48 5.11 16.68
C GLY A 105 16.85 3.65 16.78
N ALA A 106 16.26 2.99 17.76
CA ALA A 106 16.38 1.56 17.93
C ALA A 106 15.23 0.74 17.41
N SER A 107 15.56 -0.19 16.53
CA SER A 107 14.60 -1.09 15.88
C SER A 107 13.39 -0.35 15.21
N PHE A 108 12.20 -0.47 15.77
CA PHE A 108 11.07 0.37 15.30
C PHE A 108 11.46 1.84 15.22
N GLY A 109 12.26 2.32 16.21
CA GLY A 109 12.67 3.72 16.31
C GLY A 109 13.41 4.27 15.12
N GLU A 110 13.91 3.41 14.24
CA GLU A 110 14.43 3.86 12.95
C GLU A 110 13.31 4.55 12.12
N LYS A 111 12.14 4.02 12.22
CA LYS A 111 10.96 4.59 11.52
C LYS A 111 10.58 5.94 12.09
N SER A 112 10.58 6.03 13.41
CA SER A 112 10.37 7.30 14.08
C SER A 112 11.46 8.32 13.72
N VAL A 113 12.75 7.90 13.76
CA VAL A 113 13.82 8.86 13.49
C VAL A 113 13.78 9.32 11.98
N ALA A 114 13.36 8.44 11.11
CA ALA A 114 13.14 8.81 9.70
C ALA A 114 12.18 9.99 9.56
N ALA A 115 11.04 9.90 10.26
CA ALA A 115 10.13 11.02 10.39
C ALA A 115 10.72 12.19 11.08
N TYR A 116 11.34 11.97 12.24
CA TYR A 116 11.79 13.08 13.03
C TYR A 116 12.84 13.94 12.31
N SER A 117 13.76 13.27 11.58
CA SER A 117 14.85 13.92 10.93
C SER A 117 14.43 14.49 9.55
N GLY A 118 13.19 14.21 9.14
CA GLY A 118 12.70 14.70 7.85
C GLY A 118 13.26 13.91 6.68
N ALA A 119 13.88 12.76 6.94
CA ALA A 119 14.27 11.87 5.85
C ALA A 119 13.04 11.36 5.05
N LEU A 120 11.89 11.34 5.73
CA LEU A 120 10.65 11.14 5.12
C LEU A 120 9.71 12.18 5.58
N THR A 121 8.77 12.57 4.70
CA THR A 121 7.65 13.37 5.19
C THR A 121 6.92 12.55 6.19
N PHE A 122 6.18 13.19 7.07
CA PHE A 122 5.43 12.43 8.04
C PHE A 122 4.44 11.53 7.35
N ALA A 123 3.74 12.00 6.30
CA ALA A 123 2.85 11.13 5.58
C ALA A 123 3.55 9.92 4.98
N ASP A 124 4.68 10.11 4.33
CA ASP A 124 5.40 8.96 3.79
C ASP A 124 5.89 7.99 4.86
N ALA A 125 6.22 8.53 6.02
CA ALA A 125 6.65 7.70 7.16
C ALA A 125 5.48 6.85 7.66
N VAL A 126 4.28 7.43 7.74
CA VAL A 126 3.09 6.67 8.03
C VAL A 126 2.83 5.62 6.93
N ARG A 127 2.96 6.00 5.66
CA ARG A 127 2.76 5.04 4.60
C ARG A 127 3.73 3.83 4.71
N MET A 128 4.97 4.15 4.99
CA MET A 128 5.99 3.15 5.10
C MET A 128 5.70 2.22 6.26
N THR A 129 5.32 2.80 7.39
CA THR A 129 5.10 2.04 8.61
C THR A 129 3.94 1.09 8.42
N ALA A 130 2.79 1.59 7.85
CA ALA A 130 1.66 0.75 7.46
C ALA A 130 2.01 -0.31 6.45
N GLY A 131 2.70 0.07 5.41
CA GLY A 131 3.16 -0.90 4.40
C GLY A 131 4.04 -2.01 4.97
N LEU A 132 4.98 -1.62 5.83
CA LEU A 132 5.91 -2.62 6.40
C LEU A 132 5.14 -3.53 7.33
N ALA A 133 4.21 -2.99 8.13
CA ALA A 133 3.35 -3.84 8.95
C ALA A 133 2.60 -4.85 8.14
N ARG A 134 2.00 -4.46 7.01
CA ARG A 134 1.22 -5.35 6.18
C ARG A 134 2.14 -6.34 5.47
N CYS A 135 3.32 -5.86 5.10
CA CYS A 135 4.29 -6.67 4.36
C CYS A 135 4.76 -7.80 5.27
N MET A 136 5.10 -7.43 6.52
CA MET A 136 5.51 -8.43 7.53
C MET A 136 4.39 -9.41 7.83
N ASP A 137 3.17 -8.91 8.04
CA ASP A 137 2.00 -9.75 8.30
C ASP A 137 1.82 -10.82 7.20
N GLU A 138 1.82 -10.40 5.95
CA GLU A 138 1.69 -11.30 4.84
C GLU A 138 2.86 -12.31 4.78
N TYR A 139 4.08 -11.79 4.82
CA TYR A 139 5.28 -12.66 4.86
C TYR A 139 5.24 -13.77 5.93
N PHE A 140 4.97 -13.38 7.18
CA PHE A 140 5.00 -14.29 8.29
C PHE A 140 3.78 -15.19 8.37
N ARG A 141 2.74 -14.92 7.59
CA ARG A 141 1.58 -15.81 7.46
C ARG A 141 1.83 -16.96 6.45
N THR A 142 2.76 -16.81 5.53
CA THR A 142 3.11 -17.92 4.61
C THR A 142 4.59 -18.39 4.68
N GLU A 143 5.48 -17.57 5.24
CA GLU A 143 6.91 -17.88 5.45
C GLU A 143 7.33 -17.85 6.91
N HIS A 144 8.42 -18.53 7.20
CA HIS A 144 8.92 -18.58 8.58
C HIS A 144 7.76 -18.66 9.54
N LEU A 145 7.01 -19.71 9.36
CA LEU A 145 5.92 -19.98 10.20
C LEU A 145 6.43 -20.28 11.60
N GLY A 146 5.74 -19.80 12.62
CA GLY A 146 6.13 -20.06 14.02
C GLY A 146 7.30 -19.31 14.63
N VAL A 147 7.89 -18.38 13.94
CA VAL A 147 9.02 -17.68 14.48
C VAL A 147 8.56 -16.51 15.36
N VAL A 148 9.23 -16.36 16.48
CA VAL A 148 8.90 -15.36 17.51
C VAL A 148 10.18 -14.74 18.08
N THR A 149 10.08 -13.50 18.56
CA THR A 149 11.22 -12.83 19.10
C THR A 149 10.99 -12.58 20.61
N HIS A 150 11.92 -13.05 21.43
CA HIS A 150 11.86 -12.90 22.91
C HIS A 150 12.83 -11.87 23.43
N SER A 151 12.32 -11.00 24.30
CA SER A 151 13.07 -10.05 24.99
C SER A 151 13.23 -10.49 26.45
N PHE A 152 14.42 -10.33 26.99
CA PHE A 152 14.73 -10.69 28.41
C PHE A 152 15.93 -9.96 28.98
N VAL A 153 15.97 -9.81 30.30
CA VAL A 153 17.02 -9.08 31.01
C VAL A 153 17.52 -9.95 32.15
N ARG A 154 18.64 -9.53 32.77
CA ARG A 154 19.28 -10.27 33.85
C ARG A 154 19.78 -11.64 33.39
N ALA A 155 20.19 -11.66 32.10
CA ALA A 155 20.70 -12.86 31.44
C ALA A 155 22.13 -12.58 30.97
N PRO A 156 23.11 -12.75 31.85
CA PRO A 156 24.48 -12.58 31.42
C PRO A 156 24.76 -13.38 30.17
N ARG A 157 25.67 -12.91 29.36
CA ARG A 157 25.90 -13.51 28.04
C ARG A 157 26.38 -14.94 28.12
N GLU A 158 27.18 -15.25 29.14
CA GLU A 158 27.59 -16.64 29.39
C GLU A 158 26.42 -17.50 29.76
N ARG A 159 25.42 -16.98 30.48
CA ARG A 159 24.26 -17.79 30.73
C ARG A 159 23.42 -17.95 29.45
N LEU A 160 23.38 -16.90 28.66
CA LEU A 160 22.71 -16.92 27.40
C LEU A 160 23.34 -17.99 26.51
N ASP A 161 24.68 -18.01 26.49
CA ASP A 161 25.39 -18.88 25.61
C ASP A 161 25.16 -20.32 26.00
N GLU A 162 24.95 -20.57 27.29
CA GLU A 162 24.62 -21.91 27.70
C GLU A 162 23.29 -22.38 27.14
N ILE A 163 22.28 -21.52 27.17
CA ILE A 163 21.00 -21.81 26.63
C ILE A 163 21.03 -22.09 25.12
N LEU A 164 21.79 -21.30 24.42
CA LEU A 164 21.94 -21.38 22.97
C LEU A 164 22.65 -22.65 22.64
N ALA A 165 23.62 -23.05 23.48
CA ALA A 165 24.33 -24.30 23.22
C ALA A 165 23.39 -25.49 23.42
N GLU A 166 22.41 -25.39 24.33
CA GLU A 166 21.40 -26.45 24.52
C GLU A 166 20.47 -26.50 23.28
N LEU A 167 20.07 -25.33 22.76
CA LEU A 167 19.31 -25.25 21.49
C LEU A 167 20.15 -25.85 20.37
N ASP A 168 21.44 -25.52 20.28
CA ASP A 168 22.31 -26.15 19.29
C ASP A 168 22.22 -27.67 19.35
N GLU A 169 22.37 -28.25 20.55
CA GLU A 169 22.34 -29.73 20.70
C GLU A 169 21.08 -30.36 20.16
N ARG A 170 19.96 -29.66 20.18
CA ARG A 170 18.72 -30.18 19.66
C ARG A 170 18.43 -29.65 18.26
N GLY A 171 19.42 -29.05 17.63
CA GLY A 171 19.22 -28.59 16.21
C GLY A 171 18.15 -27.49 16.07
N GLU A 172 17.95 -26.69 17.12
CA GLU A 172 16.94 -25.63 17.07
C GLU A 172 17.54 -24.27 16.58
N TRP A 173 17.01 -23.73 15.47
CA TRP A 173 17.43 -22.50 14.85
C TRP A 173 17.17 -21.34 15.79
N HIS A 174 18.12 -20.41 15.83
CA HIS A 174 17.95 -19.18 16.60
C HIS A 174 18.90 -18.15 16.07
N GLU A 175 18.60 -16.89 16.39
CA GLU A 175 19.48 -15.74 16.10
C GLU A 175 19.34 -14.76 17.20
N ILE A 176 20.43 -14.11 17.58
CA ILE A 176 20.36 -13.00 18.53
C ILE A 176 19.96 -11.81 17.71
N SER A 177 18.81 -11.23 18.05
CA SER A 177 18.23 -10.18 17.25
C SER A 177 18.52 -8.82 17.81
N CYS A 178 18.70 -8.71 19.14
CA CYS A 178 19.12 -7.47 19.70
C CYS A 178 20.15 -7.69 20.83
N HIS A 179 21.17 -6.88 20.76
CA HIS A 179 22.09 -6.73 21.86
C HIS A 179 21.79 -5.39 22.49
N ILE A 180 21.26 -5.43 23.71
CA ILE A 180 20.83 -4.26 24.42
C ILE A 180 21.82 -3.79 25.54
N ASP A 181 22.21 -4.72 26.41
CA ASP A 181 23.19 -4.50 27.48
C ASP A 181 23.92 -5.82 27.65
N HIS A 182 24.87 -5.81 28.60
CA HIS A 182 25.66 -6.95 28.98
C HIS A 182 24.80 -8.15 29.32
N ASP A 183 23.61 -7.91 29.86
CA ASP A 183 22.71 -8.95 30.32
C ASP A 183 21.31 -8.81 29.79
N PHE A 184 21.20 -8.18 28.63
CA PHE A 184 19.88 -7.81 28.10
C PHE A 184 19.92 -8.04 26.59
N PHE A 185 19.10 -8.96 26.16
CA PHE A 185 19.02 -9.34 24.73
C PHE A 185 17.64 -9.59 24.19
N MET A 186 17.49 -9.70 22.85
CA MET A 186 16.35 -10.27 22.24
C MET A 186 16.83 -11.45 21.36
N LEU A 187 16.15 -12.55 21.49
CA LEU A 187 16.49 -13.82 20.78
C LEU A 187 15.28 -14.22 19.91
N THR A 188 15.59 -14.52 18.64
CA THR A 188 14.58 -14.99 17.73
C THR A 188 14.78 -16.48 17.44
N LEU A 189 13.67 -17.20 17.53
CA LEU A 189 13.62 -18.65 17.35
C LEU A 189 12.19 -19.16 17.08
N HIS A 190 12.05 -20.48 16.95
CA HIS A 190 10.73 -21.14 16.73
C HIS A 190 9.93 -21.23 18.02
N GLU A 191 8.64 -20.91 17.91
CA GLU A 191 7.75 -20.90 19.07
C GLU A 191 7.62 -22.27 19.81
N ARG A 192 8.06 -23.37 19.22
CA ARG A 192 8.01 -24.63 19.96
C ARG A 192 9.01 -24.59 21.16
N ASN A 193 9.90 -23.60 21.18
CA ASN A 193 10.92 -23.44 22.23
C ASN A 193 10.62 -22.26 23.19
N SER A 194 9.52 -21.55 22.95
CA SER A 194 9.24 -20.32 23.73
C SER A 194 9.06 -20.55 25.20
N VAL A 195 8.17 -21.49 25.60
CA VAL A 195 7.87 -21.73 26.97
C VAL A 195 9.11 -22.28 27.67
N TRP A 196 9.80 -23.13 26.97
CA TRP A 196 11.03 -23.68 27.45
C TRP A 196 12.12 -22.59 27.73
N LEU A 197 12.29 -21.73 26.77
CA LEU A 197 13.26 -20.64 26.90
C LEU A 197 12.93 -19.76 28.14
N GLU A 198 11.66 -19.38 28.27
CA GLU A 198 11.23 -18.62 29.45
C GLU A 198 11.64 -19.33 30.75
N GLY A 199 11.34 -20.65 30.84
CA GLY A 199 11.71 -21.41 32.01
C GLY A 199 13.19 -21.46 32.24
N ARG A 200 13.94 -21.74 31.20
CA ARG A 200 15.37 -21.76 31.31
C ARG A 200 16.02 -20.44 31.79
N LEU A 201 15.49 -19.34 31.28
CA LEU A 201 15.90 -18.02 31.69
C LEU A 201 15.61 -17.80 33.17
N ARG A 202 14.38 -18.09 33.59
CA ARG A 202 14.06 -17.99 35.00
C ARG A 202 14.99 -18.86 35.84
N SER A 203 15.36 -20.07 35.36
CA SER A 203 16.32 -21.01 36.06
C SER A 203 17.62 -20.37 36.50
N VAL A 204 18.09 -19.45 35.71
CA VAL A 204 19.40 -18.84 35.98
C VAL A 204 19.27 -17.42 36.49
N GLY A 205 18.12 -17.05 37.00
CA GLY A 205 17.92 -15.69 37.55
C GLY A 205 17.63 -14.57 36.55
N ALA A 206 17.41 -14.91 35.25
CA ALA A 206 17.00 -13.92 34.27
C ALA A 206 15.54 -13.72 34.33
N MET A 207 15.11 -12.68 33.64
CA MET A 207 13.73 -12.29 33.60
C MET A 207 13.23 -12.14 32.15
N PRO A 208 12.42 -13.11 31.66
CA PRO A 208 11.63 -12.92 30.42
C PRO A 208 10.74 -11.71 30.48
N LEU A 209 10.76 -10.90 29.42
CA LEU A 209 9.98 -9.66 29.38
C LEU A 209 8.79 -9.88 28.52
N TYR A 210 9.00 -10.21 27.25
CA TYR A 210 7.87 -10.39 26.34
C TYR A 210 8.28 -11.15 25.11
N ALA A 211 7.29 -11.68 24.41
CA ALA A 211 7.49 -12.48 23.16
C ALA A 211 6.79 -11.66 22.12
N MET A 212 7.44 -11.39 20.98
CA MET A 212 6.89 -10.49 19.99
C MET A 212 6.68 -11.16 18.68
N ARG A 213 5.53 -10.85 18.06
CA ARG A 213 5.20 -11.27 16.68
C ARG A 213 4.60 -10.04 16.00
N PRO A 214 5.03 -9.72 14.78
CA PRO A 214 6.09 -10.40 14.00
C PRO A 214 7.46 -10.37 14.65
N PRO A 215 8.29 -11.35 14.29
CA PRO A 215 9.65 -11.29 14.76
C PRO A 215 10.47 -10.21 14.02
N MET A 216 11.67 -9.93 14.50
CA MET A 216 12.56 -8.96 13.85
C MET A 216 14.07 -9.29 13.85
N HIS A 217 14.79 -8.63 12.93
CA HIS A 217 16.26 -8.72 12.80
C HIS A 217 16.80 -10.15 12.71
N ALA A 218 16.94 -10.66 11.51
CA ALA A 218 17.52 -11.99 11.38
C ALA A 218 18.08 -12.14 9.99
N ALA A 219 19.28 -12.66 9.90
CA ALA A 219 19.89 -12.97 8.60
C ALA A 219 18.95 -13.77 7.70
N ALA A 220 18.14 -14.60 8.32
CA ALA A 220 17.23 -15.45 7.66
C ALA A 220 16.09 -14.72 6.99
N PHE A 221 15.97 -13.39 7.20
CA PHE A 221 14.84 -12.64 6.67
C PHE A 221 15.17 -11.91 5.38
N GLY A 222 16.14 -12.43 4.60
CA GLY A 222 16.47 -11.81 3.33
C GLY A 222 15.32 -11.65 2.32
N GLY A 223 14.43 -12.65 2.24
CA GLY A 223 13.31 -12.59 1.34
C GLY A 223 12.30 -11.57 1.81
N LEU A 224 12.18 -11.39 3.11
CA LEU A 224 11.33 -10.28 3.62
C LEU A 224 11.93 -8.91 3.27
N ARG A 225 13.23 -8.77 3.40
CA ARG A 225 13.87 -7.49 3.08
C ARG A 225 13.58 -7.17 1.59
N ASP A 226 13.75 -8.16 0.73
CA ASP A 226 13.50 -8.00 -0.70
C ASP A 226 12.10 -7.58 -0.98
N LYS A 227 11.18 -8.25 -0.33
CA LYS A 227 9.76 -7.95 -0.57
C LYS A 227 9.41 -6.53 -0.09
N ALA A 228 9.90 -6.20 1.11
CA ALA A 228 9.76 -4.88 1.64
C ALA A 228 10.35 -3.79 0.73
N GLU A 229 11.52 -4.08 0.16
CA GLU A 229 12.18 -3.16 -0.73
C GLU A 229 11.28 -2.90 -1.96
N GLU A 230 10.73 -3.97 -2.52
CA GLU A 230 9.98 -3.94 -3.78
C GLU A 230 8.63 -3.31 -3.56
N GLU A 231 7.98 -3.69 -2.49
CA GLU A 231 6.59 -3.32 -2.29
C GLU A 231 6.37 -2.03 -1.52
N VAL A 232 7.30 -1.65 -0.63
CA VAL A 232 7.04 -0.57 0.30
C VAL A 232 8.10 0.54 0.22
N ILE A 233 9.39 0.19 0.28
CA ILE A 233 10.47 1.17 0.37
C ILE A 233 10.98 1.76 -0.95
N ALA A 234 11.10 0.95 -2.00
CA ALA A 234 11.59 1.44 -3.32
C ALA A 234 10.78 2.62 -3.87
N PRO A 235 9.46 2.61 -3.70
CA PRO A 235 8.57 3.67 -4.16
C PRO A 235 8.59 5.00 -3.41
N LEU A 236 9.37 5.08 -2.34
CA LEU A 236 9.34 6.26 -1.53
C LEU A 236 10.49 7.13 -1.92
N THR A 237 10.26 8.41 -1.74
CA THR A 237 11.30 9.44 -1.85
C THR A 237 11.86 9.81 -0.48
N PHE A 238 13.13 9.51 -0.32
CA PHE A 238 13.84 9.91 0.89
C PHE A 238 14.56 11.24 0.67
N HIS A 239 14.69 12.01 1.75
CA HIS A 239 15.32 13.31 1.82
C HIS A 239 16.50 13.27 2.82
N ASP A 240 17.41 14.21 2.70
CA ASP A 240 18.52 14.17 3.64
C ASP A 240 17.98 14.61 4.98
N PRO A 241 18.37 13.90 6.06
CA PRO A 241 17.98 14.32 7.39
C PRO A 241 18.47 15.74 7.79
N THR A 242 17.68 16.44 8.58
CA THR A 242 18.05 17.78 8.95
C THR A 242 19.12 17.78 10.03
N LEU A 243 19.35 16.63 10.64
CA LEU A 243 20.44 16.45 11.59
C LEU A 243 20.99 15.06 11.43
N PRO A 244 22.22 14.83 11.91
CA PRO A 244 22.71 13.48 11.67
C PRO A 244 22.02 12.40 12.49
N VAL A 245 22.08 11.21 11.95
CA VAL A 245 21.38 9.97 12.47
C VAL A 245 22.41 8.91 12.79
N VAL A 246 22.43 8.40 14.03
CA VAL A 246 23.41 7.35 14.33
C VAL A 246 22.74 6.02 13.99
N ALA A 247 23.27 5.23 13.04
CA ALA A 247 22.64 3.91 12.71
C ALA A 247 22.67 2.94 13.89
N ASP A 248 21.56 2.19 14.09
CA ASP A 248 21.48 1.19 15.15
C ASP A 248 22.09 -0.17 14.82
N GLN A 249 22.55 -0.40 13.60
CA GLN A 249 23.18 -1.62 13.33
C GLN A 249 24.58 -1.57 13.88
N ASP A 250 25.22 -0.40 13.87
CA ASP A 250 26.68 -0.31 14.13
C ASP A 250 27.22 1.05 14.61
N GLY A 251 26.36 2.03 14.94
CA GLY A 251 26.82 3.33 15.36
C GLY A 251 27.29 4.30 14.31
N LYS A 252 27.25 3.93 13.03
CA LYS A 252 27.69 4.84 11.97
C LYS A 252 26.84 6.06 11.85
N VAL A 253 27.50 7.20 11.62
CA VAL A 253 26.83 8.48 11.52
C VAL A 253 26.36 8.63 10.08
N LEU A 254 25.07 8.92 9.93
CA LEU A 254 24.41 9.01 8.61
C LEU A 254 23.92 10.40 8.31
N THR A 255 24.11 10.90 7.07
CA THR A 255 23.69 12.28 6.71
C THR A 255 22.82 12.37 5.42
N THR A 256 22.49 11.26 4.81
CA THR A 256 21.76 11.28 3.53
C THR A 256 20.47 10.42 3.58
N GLY A 257 19.52 10.71 2.67
CA GLY A 257 18.28 9.97 2.56
C GLY A 257 18.56 8.53 2.25
N ASP A 258 19.48 8.31 1.33
CA ASP A 258 19.84 6.96 0.93
C ASP A 258 20.33 6.09 2.10
N GLU A 259 21.13 6.69 2.97
CA GLU A 259 21.65 5.97 4.14
C GLU A 259 20.52 5.56 5.11
N VAL A 260 19.56 6.46 5.30
CA VAL A 260 18.38 6.17 6.10
C VAL A 260 17.54 5.04 5.45
N ARG A 261 17.27 5.13 4.14
CA ARG A 261 16.66 4.00 3.43
C ARG A 261 17.41 2.70 3.70
N THR A 262 18.72 2.71 3.55
CA THR A 262 19.51 1.49 3.71
C THR A 262 19.40 0.96 5.10
N MET A 263 19.44 1.84 6.07
CA MET A 263 19.26 1.43 7.44
C MET A 263 17.95 0.68 7.69
N LEU A 264 16.85 1.21 7.16
CA LEU A 264 15.52 0.59 7.33
C LEU A 264 15.47 -0.80 6.72
N LEU A 265 16.17 -1.00 5.59
CA LEU A 265 16.18 -2.31 4.99
C LEU A 265 17.16 -3.29 5.67
N GLU A 266 18.28 -2.76 6.11
CA GLU A 266 19.24 -3.56 6.90
C GLU A 266 18.66 -4.06 8.21
N SER A 267 17.75 -3.28 8.77
CA SER A 267 17.14 -3.63 9.98
C SER A 267 16.54 -5.03 9.96
N PHE A 268 16.01 -5.49 8.78
CA PHE A 268 15.39 -6.79 8.70
C PHE A 268 16.41 -7.93 8.89
N VAL A 269 17.66 -7.70 8.52
CA VAL A 269 18.63 -8.75 8.44
C VAL A 269 19.86 -8.62 9.34
N ARG A 270 19.94 -7.55 10.15
CA ARG A 270 21.08 -7.36 11.01
C ARG A 270 20.53 -7.07 12.40
N PRO A 271 21.27 -7.46 13.44
CA PRO A 271 20.76 -7.21 14.76
C PRO A 271 20.83 -5.73 15.17
N LEU A 272 19.92 -5.31 16.07
CA LEU A 272 20.12 -4.06 16.80
C LEU A 272 21.32 -4.19 17.74
N ARG A 273 22.29 -3.27 17.68
CA ARG A 273 23.38 -3.22 18.65
C ARG A 273 23.41 -1.92 19.39
N TRP A 274 22.62 -1.85 20.44
CA TRP A 274 22.47 -0.62 21.21
C TRP A 274 23.75 -0.09 21.86
N PRO A 275 24.61 -0.98 22.41
CA PRO A 275 25.94 -0.52 22.87
C PRO A 275 26.76 0.25 21.82
N ASP A 276 26.68 -0.10 20.52
CA ASP A 276 27.41 0.65 19.52
C ASP A 276 26.79 2.03 19.30
N VAL A 277 25.46 2.10 19.44
CA VAL A 277 24.78 3.37 19.34
C VAL A 277 25.22 4.27 20.49
N ILE A 278 25.19 3.73 21.69
CA ILE A 278 25.60 4.55 22.87
C ILE A 278 27.10 4.98 22.80
N SER A 279 28.00 4.04 22.49
CA SER A 279 29.40 4.39 22.44
C SER A 279 29.69 5.35 21.26
N SER A 280 28.95 5.26 20.15
CA SER A 280 29.15 6.23 19.06
C SER A 280 28.77 7.65 19.51
N LEU A 281 27.64 7.72 20.22
CA LEU A 281 27.14 8.97 20.73
C LEU A 281 28.11 9.57 21.74
N GLN A 282 28.66 8.72 22.61
CA GLN A 282 29.71 9.21 23.52
C GLN A 282 30.85 9.77 22.70
N ASP A 283 31.26 9.08 21.63
CA ASP A 283 32.34 9.52 20.76
C ASP A 283 32.03 10.83 20.00
N GLN A 284 30.74 11.10 19.77
CA GLN A 284 30.28 12.30 19.13
C GLN A 284 30.13 13.44 20.16
N GLY A 285 30.51 13.19 21.40
CA GLY A 285 30.46 14.22 22.47
C GLY A 285 29.10 14.51 23.08
N VAL A 286 28.17 13.54 23.01
CA VAL A 286 26.90 13.58 23.68
C VAL A 286 27.09 13.41 25.20
N THR A 287 26.38 14.22 25.98
CA THR A 287 26.28 14.06 27.42
C THR A 287 24.82 13.88 27.95
N ARG A 288 23.82 14.22 27.16
CA ARG A 288 22.44 14.18 27.53
C ARG A 288 21.65 13.60 26.37
N VAL A 289 20.66 12.75 26.68
CA VAL A 289 19.73 12.22 25.69
C VAL A 289 18.29 12.33 26.14
N CYS A 290 17.42 12.51 25.18
CA CYS A 290 16.00 12.46 25.45
C CYS A 290 15.51 11.24 24.74
N VAL A 291 14.83 10.37 25.46
CA VAL A 291 14.22 9.19 24.90
C VAL A 291 12.74 9.53 24.76
N ALA A 292 12.32 9.62 23.50
CA ALA A 292 10.97 10.16 23.18
C ALA A 292 10.05 9.00 22.92
N GLY A 293 9.09 8.80 23.79
CA GLY A 293 8.06 7.83 23.54
C GLY A 293 7.54 7.06 24.73
N PRO A 294 6.48 6.26 24.51
CA PRO A 294 6.17 5.27 25.55
C PRO A 294 7.32 4.27 25.55
N ASP A 295 8.06 4.26 26.61
CA ASP A 295 9.18 3.38 26.73
C ASP A 295 9.35 3.08 28.24
N SER A 296 9.76 1.88 28.56
CA SER A 296 10.33 1.57 29.89
C SER A 296 11.60 0.75 29.74
N LEU A 297 12.16 0.68 28.54
CA LEU A 297 13.37 -0.14 28.32
C LEU A 297 14.57 0.81 28.02
N PHE A 298 14.49 1.52 26.90
CA PHE A 298 15.70 2.25 26.38
C PHE A 298 16.18 3.43 27.19
N GLY A 299 15.22 4.03 27.89
CA GLY A 299 15.46 5.16 28.76
C GLY A 299 15.92 4.69 30.13
N ARG A 300 15.76 3.40 30.42
CA ARG A 300 16.11 2.94 31.76
C ARG A 300 17.29 2.02 31.80
N VAL A 301 17.66 1.39 30.69
CA VAL A 301 18.71 0.37 30.70
C VAL A 301 20.07 1.00 31.00
N GLY A 302 20.87 0.28 31.77
CA GLY A 302 22.21 0.70 32.14
C GLY A 302 23.10 1.14 31.01
N THR A 303 22.97 0.50 29.84
CA THR A 303 23.76 0.93 28.69
C THR A 303 23.57 2.44 28.46
N THR A 304 22.34 2.92 28.55
CA THR A 304 22.06 4.31 28.34
C THR A 304 22.40 5.17 29.59
N THR A 305 21.96 4.70 30.78
CA THR A 305 22.03 5.56 31.99
C THR A 305 23.45 5.74 32.53
N ARG A 306 24.26 4.71 32.38
CA ARG A 306 25.66 4.78 32.74
C ARG A 306 26.39 5.80 31.87
N ALA A 307 25.93 6.03 30.64
CA ALA A 307 26.64 6.97 29.77
C ALA A 307 26.17 8.37 29.80
N PHE A 308 24.86 8.60 29.99
CA PHE A 308 24.28 9.93 29.80
C PHE A 308 23.28 10.34 30.88
N GLU A 309 23.10 11.63 31.01
CA GLU A 309 21.93 12.15 31.67
C GLU A 309 20.72 11.84 30.74
N VAL A 310 19.68 11.19 31.25
CA VAL A 310 18.52 10.83 30.49
C VAL A 310 17.29 11.67 30.84
N ILE A 311 16.68 12.24 29.83
CA ILE A 311 15.32 12.70 29.89
C ILE A 311 14.33 11.71 29.26
N ALA A 312 13.42 11.14 30.07
CA ALA A 312 12.48 10.14 29.54
C ALA A 312 11.17 10.85 29.24
N ALA A 313 11.02 11.25 27.98
CA ALA A 313 9.79 11.91 27.51
C ALA A 313 8.70 10.89 27.15
N THR A 314 7.91 10.58 28.18
CA THR A 314 6.85 9.57 28.15
C THR A 314 5.48 10.28 28.17
N PRO A 315 4.39 9.56 27.81
CA PRO A 315 3.03 10.12 27.91
C PRO A 315 2.72 10.64 29.32
N ARG A 316 3.26 9.96 30.33
CA ARG A 316 3.05 10.32 31.75
C ARG A 316 3.73 11.62 32.09
N LEU A 317 4.94 11.81 31.61
CA LEU A 317 5.61 13.10 31.84
C LEU A 317 4.87 14.20 31.11
N ALA A 318 4.41 13.92 29.88
CA ALA A 318 3.74 14.94 29.11
C ALA A 318 2.40 15.34 29.69
N LEU A 319 1.81 14.50 30.52
CA LEU A 319 0.50 14.80 31.11
C LEU A 319 0.59 15.49 32.51
N GLY B 20 -12.84 -18.68 0.84
CA GLY B 20 -14.15 -18.35 0.17
C GLY B 20 -14.10 -18.38 -1.33
N ALA B 21 -14.99 -17.62 -1.95
CA ALA B 21 -15.06 -17.53 -3.38
C ALA B 21 -13.92 -16.69 -4.00
N THR B 22 -13.60 -17.03 -5.25
CA THR B 22 -12.80 -16.28 -6.13
C THR B 22 -13.61 -15.48 -7.19
N ALA B 23 -13.15 -14.22 -7.38
CA ALA B 23 -13.78 -13.22 -8.28
C ALA B 23 -12.78 -12.95 -9.37
N MET B 24 -13.25 -12.90 -10.60
CA MET B 24 -12.44 -12.43 -11.70
C MET B 24 -12.71 -10.95 -11.97
N LEU B 25 -11.66 -10.14 -11.94
CA LEU B 25 -11.82 -8.70 -12.03
C LEU B 25 -11.12 -8.15 -13.24
N PHE B 26 -11.75 -7.19 -13.89
CA PHE B 26 -11.24 -6.54 -15.06
C PHE B 26 -11.02 -5.04 -14.85
N PRO B 27 -9.79 -4.61 -15.05
CA PRO B 27 -9.32 -3.26 -14.80
C PRO B 27 -9.77 -2.26 -15.83
N GLY B 28 -9.73 -1.00 -15.39
CA GLY B 28 -9.71 0.19 -16.23
C GLY B 28 -8.54 0.17 -17.23
N MET B 29 -8.71 0.88 -18.32
CA MET B 29 -7.69 1.00 -19.36
C MET B 29 -6.85 2.22 -19.10
N GLY B 30 -5.55 2.04 -18.82
CA GLY B 30 -4.65 3.13 -18.74
C GLY B 30 -3.80 3.22 -19.99
N PRO B 31 -2.85 4.16 -20.00
CA PRO B 31 -1.91 4.22 -21.08
C PRO B 31 -0.95 3.02 -20.94
N ALA B 32 -0.76 2.25 -22.01
CA ALA B 32 0.30 1.21 -22.00
C ALA B 32 0.94 1.03 -23.38
N ALA B 33 2.16 0.51 -23.38
CA ALA B 33 2.91 0.40 -24.62
C ALA B 33 2.53 -0.90 -25.31
N PHE B 34 2.37 -0.83 -26.62
CA PHE B 34 2.40 -2.06 -27.38
C PHE B 34 3.47 -3.04 -26.85
N SER B 35 4.67 -2.52 -26.58
CA SER B 35 5.85 -3.26 -26.05
C SER B 35 5.55 -4.14 -24.88
N ASP B 36 4.72 -3.65 -23.97
CA ASP B 36 4.31 -4.36 -22.78
C ASP B 36 3.60 -5.67 -23.11
N VAL B 37 2.93 -5.72 -24.26
CA VAL B 37 2.01 -6.84 -24.51
C VAL B 37 2.21 -7.61 -25.82
N GLY B 38 2.96 -7.02 -26.74
CA GLY B 38 3.14 -7.55 -28.10
C GLY B 38 3.53 -9.01 -28.16
N ARG B 39 4.52 -9.39 -27.38
CA ARG B 39 4.97 -10.79 -27.37
C ARG B 39 3.87 -11.80 -26.91
N PHE B 40 3.24 -11.51 -25.78
CA PHE B 40 2.05 -12.18 -25.34
C PHE B 40 0.96 -12.26 -26.41
N MET B 41 0.67 -11.17 -27.10
CA MET B 41 -0.41 -11.16 -28.10
C MET B 41 -0.16 -12.13 -29.21
N VAL B 42 1.09 -12.22 -29.67
CA VAL B 42 1.33 -13.00 -30.90
C VAL B 42 1.74 -14.44 -30.64
N THR B 43 2.02 -14.80 -29.38
CA THR B 43 2.40 -16.18 -29.04
C THR B 43 1.38 -16.98 -28.24
N ASN B 44 0.53 -16.31 -27.44
CA ASN B 44 -0.33 -17.03 -26.50
C ASN B 44 -1.57 -17.66 -27.15
N ARG B 45 -2.00 -18.82 -26.68
CA ARG B 45 -3.11 -19.47 -27.28
C ARG B 45 -4.43 -18.77 -27.07
N TYR B 46 -4.56 -18.15 -25.93
CA TYR B 46 -5.81 -17.45 -25.60
C TYR B 46 -5.99 -16.18 -26.39
N THR B 47 -4.93 -15.38 -26.55
CA THR B 47 -4.98 -14.31 -27.49
C THR B 47 -5.16 -14.81 -28.92
N ARG B 48 -4.43 -15.87 -29.27
CA ARG B 48 -4.64 -16.44 -30.63
C ARG B 48 -6.12 -16.57 -31.05
N GLU B 49 -6.88 -17.30 -30.28
CA GLU B 49 -8.26 -17.55 -30.58
C GLU B 49 -9.15 -16.32 -30.55
N LEU B 50 -8.85 -15.38 -29.67
CA LEU B 50 -9.61 -14.12 -29.59
C LEU B 50 -9.26 -13.16 -30.74
N LEU B 51 -8.00 -13.13 -31.12
CA LEU B 51 -7.58 -12.38 -32.28
C LEU B 51 -8.09 -12.93 -33.62
N ALA B 52 -8.34 -14.23 -33.72
CA ALA B 52 -8.84 -14.83 -34.97
C ALA B 52 -10.23 -14.23 -35.18
N GLU B 53 -10.95 -14.14 -34.08
CA GLU B 53 -12.34 -13.66 -34.14
C GLU B 53 -12.34 -12.16 -34.32
N ALA B 54 -11.50 -11.44 -33.58
CA ALA B 54 -11.43 -9.98 -33.68
C ALA B 54 -11.09 -9.55 -35.08
N ASP B 55 -10.00 -10.10 -35.63
CA ASP B 55 -9.58 -9.71 -36.95
C ASP B 55 -10.68 -9.98 -37.98
N ASP B 56 -11.42 -11.10 -37.90
CA ASP B 56 -12.41 -11.42 -38.82
C ASP B 56 -13.61 -10.49 -38.68
N THR B 57 -13.90 -10.07 -37.48
CA THR B 57 -14.94 -9.10 -37.26
C THR B 57 -14.56 -7.64 -37.73
N LEU B 58 -13.33 -7.26 -37.59
CA LEU B 58 -12.85 -5.90 -37.91
C LEU B 58 -12.45 -5.71 -39.41
N GLY B 59 -12.03 -6.81 -40.04
CA GLY B 59 -11.58 -6.81 -41.45
C GLY B 59 -10.13 -6.33 -41.59
N TYR B 60 -9.38 -6.43 -40.49
CA TYR B 60 -7.97 -6.08 -40.46
C TYR B 60 -7.24 -6.87 -39.40
N SER B 61 -5.90 -6.78 -39.44
CA SER B 61 -5.04 -7.41 -38.45
C SER B 61 -4.92 -6.47 -37.24
N LEU B 62 -5.59 -6.82 -36.16
CA LEU B 62 -5.56 -5.92 -34.96
C LEU B 62 -4.10 -5.69 -34.45
N VAL B 63 -3.32 -6.74 -34.44
CA VAL B 63 -1.97 -6.61 -33.89
C VAL B 63 -1.21 -5.64 -34.73
N ASP B 64 -1.25 -5.81 -36.07
CA ASP B 64 -0.58 -4.84 -36.96
C ASP B 64 -0.98 -3.41 -36.70
N ARG B 65 -2.27 -3.15 -36.67
CA ARG B 65 -2.70 -1.79 -36.53
C ARG B 65 -2.36 -1.21 -35.17
N PHE B 66 -2.46 -2.05 -34.17
CA PHE B 66 -2.16 -1.67 -32.75
C PHE B 66 -0.67 -1.32 -32.65
N ARG B 67 0.16 -2.14 -33.28
CA ARG B 67 1.61 -1.92 -33.25
C ARG B 67 2.00 -0.53 -33.85
N GLN B 68 1.30 -0.07 -34.90
CA GLN B 68 1.63 1.21 -35.55
C GLN B 68 0.85 2.44 -35.02
N ALA B 69 -0.10 2.22 -34.13
CA ALA B 69 -1.02 3.28 -33.68
C ALA B 69 -0.31 4.26 -32.73
N GLU B 70 -0.66 5.53 -32.85
CA GLU B 70 -0.12 6.57 -32.00
C GLU B 70 -1.11 6.88 -30.85
N GLY B 71 -0.60 7.43 -29.77
CA GLY B 71 -1.44 7.80 -28.65
C GLY B 71 -1.77 6.60 -27.78
N ASP B 72 -2.48 6.85 -26.70
CA ASP B 72 -2.67 5.88 -25.66
C ASP B 72 -4.02 5.18 -25.66
N TYR B 73 -5.03 5.81 -26.32
CA TYR B 73 -6.43 5.34 -26.33
C TYR B 73 -6.99 5.28 -27.78
N SER B 74 -6.13 4.86 -28.73
CA SER B 74 -6.61 4.58 -30.10
C SER B 74 -7.62 3.45 -30.05
N GLU B 75 -8.45 3.37 -31.09
CA GLU B 75 -9.42 2.34 -31.28
C GLU B 75 -8.70 1.01 -31.21
N TYR B 76 -7.52 0.96 -31.83
CA TYR B 76 -6.76 -0.28 -31.90
C TYR B 76 -6.34 -0.67 -30.50
N ALA B 77 -5.89 0.30 -29.74
CA ALA B 77 -5.42 0.03 -28.36
C ALA B 77 -6.57 -0.45 -27.44
N GLN B 78 -7.77 0.08 -27.68
CA GLN B 78 -8.95 -0.27 -26.88
C GLN B 78 -9.37 -1.73 -27.21
N ILE B 79 -9.41 -2.10 -28.51
CA ILE B 79 -9.74 -3.46 -28.85
C ILE B 79 -8.66 -4.39 -28.31
N ALA B 80 -7.41 -4.00 -28.39
CA ALA B 80 -6.30 -4.88 -27.94
C ALA B 80 -6.35 -5.11 -26.45
N PHE B 81 -6.73 -4.06 -25.74
CA PHE B 81 -6.94 -4.17 -24.33
C PHE B 81 -8.03 -5.18 -23.96
N LEU B 82 -9.18 -5.15 -24.66
CA LEU B 82 -10.23 -6.13 -24.48
C LEU B 82 -9.69 -7.54 -24.65
N VAL B 83 -9.04 -7.75 -25.79
CA VAL B 83 -8.50 -9.06 -26.17
C VAL B 83 -7.56 -9.56 -25.03
N ASN B 84 -6.60 -8.76 -24.65
CA ASN B 84 -5.63 -9.14 -23.63
C ASN B 84 -6.19 -9.40 -22.23
N CYS B 85 -7.13 -8.55 -21.76
CA CYS B 85 -7.76 -8.80 -20.51
C CYS B 85 -8.55 -10.12 -20.55
N VAL B 86 -9.41 -10.36 -21.57
CA VAL B 86 -10.27 -11.58 -21.60
C VAL B 86 -9.37 -12.84 -21.73
N ALA B 87 -8.35 -12.74 -22.59
CA ALA B 87 -7.39 -13.79 -22.74
C ALA B 87 -6.68 -14.11 -21.37
N LEU B 88 -6.24 -13.08 -20.67
CA LEU B 88 -5.55 -13.33 -19.38
C LEU B 88 -6.47 -14.00 -18.34
N ALA B 89 -7.74 -13.61 -18.34
CA ALA B 89 -8.73 -14.24 -17.52
C ALA B 89 -8.91 -15.73 -17.84
N ARG B 90 -9.02 -16.08 -19.12
CA ARG B 90 -9.27 -17.48 -19.46
C ARG B 90 -8.00 -18.26 -19.14
N TRP B 91 -6.87 -17.65 -19.41
CA TRP B 91 -5.55 -18.27 -19.11
C TRP B 91 -5.43 -18.55 -17.62
N ALA B 92 -5.81 -17.58 -16.80
CA ALA B 92 -5.62 -17.70 -15.35
C ALA B 92 -6.52 -18.79 -14.81
N GLU B 93 -7.78 -18.81 -15.23
CA GLU B 93 -8.72 -19.77 -14.63
C GLU B 93 -8.39 -21.20 -15.03
N GLN B 94 -7.98 -21.37 -16.28
CA GLN B 94 -7.49 -22.66 -16.75
C GLN B 94 -6.14 -23.08 -16.12
N THR B 95 -5.17 -22.21 -16.11
CA THR B 95 -3.85 -22.63 -15.72
C THR B 95 -3.67 -22.72 -14.18
N MET B 96 -4.37 -21.90 -13.41
CA MET B 96 -4.29 -21.90 -11.95
C MET B 96 -5.48 -22.51 -11.27
N ASP B 97 -6.28 -23.23 -12.04
CA ASP B 97 -7.47 -23.88 -11.52
C ASP B 97 -8.20 -22.96 -10.56
N LEU B 98 -8.44 -21.75 -11.02
CA LEU B 98 -9.40 -20.93 -10.33
C LEU B 98 -10.70 -21.44 -10.96
N THR B 99 -11.71 -21.34 -10.14
CA THR B 99 -13.04 -21.57 -10.53
C THR B 99 -13.74 -20.32 -10.01
N PRO B 100 -13.65 -19.22 -10.79
CA PRO B 100 -14.34 -18.00 -10.42
C PRO B 100 -15.84 -18.18 -10.37
N ARG B 101 -16.42 -17.62 -9.34
CA ARG B 101 -17.85 -17.70 -9.14
C ARG B 101 -18.55 -16.42 -9.42
N ILE B 102 -17.78 -15.33 -9.62
CA ILE B 102 -18.48 -14.05 -9.80
C ILE B 102 -17.43 -13.17 -10.45
N CYS B 103 -17.86 -12.11 -11.12
CA CYS B 103 -16.89 -11.19 -11.77
C CYS B 103 -17.35 -9.74 -11.72
N ALA B 104 -16.41 -8.86 -12.03
CA ALA B 104 -16.71 -7.44 -12.07
C ALA B 104 -15.67 -6.75 -12.93
N GLY B 105 -16.12 -5.67 -13.55
CA GLY B 105 -15.24 -4.77 -14.34
C GLY B 105 -15.30 -3.32 -14.04
N ALA B 106 -14.15 -2.65 -14.07
CA ALA B 106 -14.09 -1.23 -13.75
C ALA B 106 -13.89 -0.40 -14.98
N SER B 107 -14.86 0.50 -15.26
CA SER B 107 -14.84 1.39 -16.41
C SER B 107 -14.72 0.61 -17.74
N PHE B 108 -13.58 0.68 -18.41
CA PHE B 108 -13.40 -0.09 -19.64
C PHE B 108 -13.72 -1.57 -19.36
N GLY B 109 -13.32 -2.02 -18.15
CA GLY B 109 -13.52 -3.37 -17.71
C GLY B 109 -14.87 -3.90 -17.84
N GLU B 110 -15.88 -3.06 -17.90
CA GLU B 110 -17.23 -3.53 -18.15
C GLU B 110 -17.35 -4.22 -19.48
N LYS B 111 -16.60 -3.71 -20.46
CA LYS B 111 -16.60 -4.32 -21.82
C LYS B 111 -16.03 -5.73 -21.74
N SER B 112 -14.85 -5.86 -21.09
CA SER B 112 -14.21 -7.13 -20.89
C SER B 112 -15.09 -8.09 -20.14
N VAL B 113 -15.76 -7.61 -19.08
CA VAL B 113 -16.58 -8.54 -18.31
C VAL B 113 -17.84 -9.02 -19.16
N ALA B 114 -18.34 -8.18 -20.07
CA ALA B 114 -19.45 -8.52 -20.96
C ALA B 114 -19.05 -9.66 -21.83
N ALA B 115 -17.83 -9.56 -22.33
CA ALA B 115 -17.28 -10.61 -23.21
C ALA B 115 -16.93 -11.87 -22.40
N TYR B 116 -16.22 -11.70 -21.27
CA TYR B 116 -15.76 -12.83 -20.49
C TYR B 116 -16.95 -13.65 -20.05
N SER B 117 -18.00 -12.98 -19.58
CA SER B 117 -19.18 -13.62 -19.05
C SER B 117 -20.16 -14.13 -20.11
N GLY B 118 -19.88 -13.88 -21.38
CA GLY B 118 -20.72 -14.31 -22.46
C GLY B 118 -22.04 -13.56 -22.61
N ALA B 119 -22.11 -12.40 -21.96
CA ALA B 119 -23.25 -11.53 -22.08
C ALA B 119 -23.32 -10.98 -23.52
N LEU B 120 -22.16 -10.82 -24.14
CA LEU B 120 -22.10 -10.71 -25.60
C LEU B 120 -21.22 -11.81 -26.17
N THR B 121 -21.46 -12.15 -27.43
CA THR B 121 -20.45 -12.93 -28.10
C THR B 121 -19.16 -12.14 -28.24
N PHE B 122 -18.04 -12.85 -28.43
CA PHE B 122 -16.86 -12.07 -28.58
C PHE B 122 -16.85 -11.12 -29.76
N ALA B 123 -17.42 -11.54 -30.89
CA ALA B 123 -17.51 -10.67 -31.98
C ALA B 123 -18.33 -9.44 -31.68
N ASP B 124 -19.46 -9.61 -30.98
CA ASP B 124 -20.25 -8.44 -30.57
C ASP B 124 -19.54 -7.56 -29.56
N ALA B 125 -18.68 -8.15 -28.70
CA ALA B 125 -17.94 -7.32 -27.79
C ALA B 125 -16.90 -6.50 -28.54
N VAL B 126 -16.27 -7.07 -29.58
CA VAL B 126 -15.36 -6.34 -30.43
C VAL B 126 -16.11 -5.26 -31.21
N ARG B 127 -17.25 -5.61 -31.83
CA ARG B 127 -18.11 -4.63 -32.53
C ARG B 127 -18.43 -3.43 -31.58
N MET B 128 -18.85 -3.78 -30.38
CA MET B 128 -19.15 -2.74 -29.33
C MET B 128 -17.94 -1.87 -29.00
N THR B 129 -16.79 -2.49 -28.71
CA THR B 129 -15.60 -1.77 -28.30
C THR B 129 -15.08 -0.82 -29.41
N ALA B 130 -14.99 -1.32 -30.66
CA ALA B 130 -14.64 -0.51 -31.80
C ALA B 130 -15.64 0.63 -32.02
N GLY B 131 -16.90 0.30 -31.92
CA GLY B 131 -17.99 1.22 -32.28
C GLY B 131 -18.03 2.31 -31.23
N LEU B 132 -17.83 1.94 -29.97
CA LEU B 132 -17.77 2.97 -28.88
C LEU B 132 -16.54 3.85 -28.97
N ALA B 133 -15.39 3.27 -29.33
CA ALA B 133 -14.24 4.08 -29.62
C ALA B 133 -14.52 5.10 -30.69
N ARG B 134 -15.09 4.70 -31.81
CA ARG B 134 -15.38 5.64 -32.89
C ARG B 134 -16.40 6.70 -32.46
N CYS B 135 -17.37 6.22 -31.72
CA CYS B 135 -18.45 7.07 -31.23
C CYS B 135 -17.91 8.17 -30.29
N MET B 136 -17.11 7.83 -29.29
CA MET B 136 -16.51 8.82 -28.40
C MET B 136 -15.58 9.82 -29.16
N ASP B 137 -14.78 9.30 -30.07
CA ASP B 137 -13.92 10.13 -30.89
C ASP B 137 -14.72 11.16 -31.70
N GLU B 138 -15.75 10.69 -32.40
CA GLU B 138 -16.58 11.58 -33.19
C GLU B 138 -17.32 12.57 -32.27
N TYR B 139 -17.90 12.05 -31.19
CA TYR B 139 -18.62 12.95 -30.25
C TYR B 139 -17.76 14.06 -29.66
N PHE B 140 -16.59 13.70 -29.11
CA PHE B 140 -15.76 14.68 -28.45
C PHE B 140 -15.02 15.62 -29.43
N ARG B 141 -15.22 15.40 -30.72
CA ARG B 141 -14.67 16.34 -31.73
C ARG B 141 -15.53 17.55 -31.86
N THR B 142 -16.77 17.50 -31.40
CA THR B 142 -17.62 18.66 -31.44
C THR B 142 -18.28 19.04 -30.10
N GLU B 143 -18.40 18.11 -29.16
CA GLU B 143 -19.13 18.39 -27.92
C GLU B 143 -18.12 18.31 -26.79
N HIS B 144 -18.39 19.01 -25.71
CA HIS B 144 -17.51 18.99 -24.50
C HIS B 144 -16.09 19.19 -24.86
N LEU B 145 -15.87 20.24 -25.66
CA LEU B 145 -14.53 20.46 -26.16
C LEU B 145 -13.56 20.79 -25.00
N GLY B 146 -12.37 20.23 -25.06
CA GLY B 146 -11.37 20.45 -24.05
C GLY B 146 -11.53 19.65 -22.77
N VAL B 147 -12.56 18.82 -22.68
CA VAL B 147 -12.82 18.06 -21.46
C VAL B 147 -11.92 16.81 -21.39
N VAL B 148 -11.32 16.59 -20.22
CA VAL B 148 -10.26 15.62 -19.96
C VAL B 148 -10.41 14.98 -18.57
N THR B 149 -10.02 13.72 -18.43
CA THR B 149 -10.13 13.01 -17.17
C THR B 149 -8.73 12.79 -16.56
N HIS B 150 -8.51 13.33 -15.37
CA HIS B 150 -7.25 13.12 -14.62
C HIS B 150 -7.38 12.04 -13.55
N SER B 151 -6.47 11.08 -13.61
CA SER B 151 -6.26 10.13 -12.58
C SER B 151 -5.11 10.57 -11.66
N PHE B 152 -5.26 10.31 -10.36
CA PHE B 152 -4.24 10.64 -9.36
C PHE B 152 -4.39 9.87 -8.06
N VAL B 153 -3.29 9.68 -7.34
CA VAL B 153 -3.26 8.91 -6.12
C VAL B 153 -2.56 9.68 -4.99
N ARG B 154 -2.62 9.15 -3.79
CA ARG B 154 -2.15 9.82 -2.60
C ARG B 154 -2.78 11.21 -2.37
N ALA B 155 -4.03 11.38 -2.81
CA ALA B 155 -4.87 12.56 -2.54
C ALA B 155 -6.07 12.20 -1.58
N PRO B 156 -5.82 12.15 -0.26
CA PRO B 156 -6.91 11.86 0.65
C PRO B 156 -8.05 12.80 0.31
N ARG B 157 -9.27 12.32 0.46
CA ARG B 157 -10.45 13.08 0.02
C ARG B 157 -10.48 14.48 0.62
N GLU B 158 -10.07 14.63 1.88
CA GLU B 158 -10.17 15.93 2.53
C GLU B 158 -9.23 16.96 1.86
N ARG B 159 -8.08 16.49 1.36
CA ARG B 159 -7.14 17.36 0.69
C ARG B 159 -7.69 17.64 -0.71
N LEU B 160 -8.27 16.61 -1.35
CA LEU B 160 -8.85 16.78 -2.67
C LEU B 160 -9.96 17.83 -2.55
N ASP B 161 -10.69 17.82 -1.44
CA ASP B 161 -11.82 18.75 -1.26
C ASP B 161 -11.29 20.20 -1.33
N GLU B 162 -10.11 20.45 -0.79
CA GLU B 162 -9.48 21.80 -0.79
C GLU B 162 -9.33 22.31 -2.26
N ILE B 163 -8.82 21.42 -3.10
CA ILE B 163 -8.66 21.70 -4.51
C ILE B 163 -9.99 21.89 -5.23
N LEU B 164 -10.99 21.02 -5.02
CA LEU B 164 -12.31 21.19 -5.61
C LEU B 164 -12.96 22.49 -5.19
N ALA B 165 -12.79 22.87 -3.93
CA ALA B 165 -13.33 24.16 -3.41
C ALA B 165 -12.72 25.33 -4.20
N GLU B 166 -11.46 25.26 -4.54
CA GLU B 166 -10.74 26.33 -5.30
C GLU B 166 -11.27 26.31 -6.76
N LEU B 167 -11.47 25.12 -7.34
CA LEU B 167 -12.18 25.07 -8.64
C LEU B 167 -13.57 25.75 -8.60
N ASP B 168 -14.33 25.48 -7.55
CA ASP B 168 -15.65 26.09 -7.39
C ASP B 168 -15.52 27.61 -7.34
N GLU B 169 -14.58 28.10 -6.52
CA GLU B 169 -14.22 29.54 -6.44
C GLU B 169 -14.02 30.19 -7.83
N ARG B 170 -13.30 29.49 -8.73
CA ARG B 170 -13.04 29.92 -10.08
C ARG B 170 -14.25 29.73 -11.02
N GLY B 171 -15.29 29.06 -10.54
CA GLY B 171 -16.45 28.64 -11.32
C GLY B 171 -16.07 27.60 -12.39
N GLU B 172 -15.05 26.80 -12.14
CA GLU B 172 -14.68 25.76 -13.13
C GLU B 172 -15.47 24.46 -12.91
N TRP B 173 -16.19 24.07 -13.93
CA TRP B 173 -16.96 22.85 -13.91
C TRP B 173 -16.05 21.63 -13.68
N HIS B 174 -16.50 20.66 -12.90
CA HIS B 174 -15.80 19.41 -12.79
C HIS B 174 -16.75 18.36 -12.22
N GLU B 175 -16.41 17.14 -12.50
CA GLU B 175 -17.06 15.99 -11.84
C GLU B 175 -16.02 14.96 -11.40
N ILE B 176 -16.29 14.32 -10.26
CA ILE B 176 -15.52 13.11 -9.84
C ILE B 176 -16.06 11.97 -10.69
N SER B 177 -15.23 11.42 -11.58
CA SER B 177 -15.65 10.39 -12.51
C SER B 177 -15.37 8.99 -11.95
N CYS B 178 -14.38 8.87 -11.07
CA CYS B 178 -14.09 7.61 -10.44
C CYS B 178 -13.71 7.76 -8.99
N HIS B 179 -14.29 6.92 -8.16
CA HIS B 179 -13.89 6.79 -6.76
C HIS B 179 -13.18 5.43 -6.74
N ILE B 180 -11.86 5.43 -6.56
CA ILE B 180 -11.07 4.21 -6.53
C ILE B 180 -10.69 3.78 -5.09
N ASP B 181 -10.13 4.71 -4.32
CA ASP B 181 -9.88 4.53 -2.88
C ASP B 181 -10.02 5.90 -2.21
N HIS B 182 -9.77 5.94 -0.92
CA HIS B 182 -9.98 7.11 -0.10
C HIS B 182 -9.07 8.24 -0.60
N ASP B 183 -7.96 7.89 -1.27
CA ASP B 183 -6.97 8.84 -1.76
C ASP B 183 -6.72 8.68 -3.31
N PHE B 184 -7.65 8.11 -4.01
CA PHE B 184 -7.36 7.71 -5.37
C PHE B 184 -8.65 7.98 -6.13
N PHE B 185 -8.60 8.98 -7.00
CA PHE B 185 -9.78 9.44 -7.81
C PHE B 185 -9.47 9.72 -9.26
N MET B 186 -10.52 9.78 -10.07
CA MET B 186 -10.43 10.42 -11.33
C MET B 186 -11.42 11.58 -11.35
N LEU B 187 -10.90 12.72 -11.82
CA LEU B 187 -11.63 13.98 -11.89
C LEU B 187 -11.68 14.45 -13.34
N THR B 188 -12.89 14.77 -13.81
CA THR B 188 -13.10 15.25 -15.16
C THR B 188 -13.39 16.73 -15.14
N LEU B 189 -12.68 17.43 -16.00
CA LEU B 189 -12.76 18.92 -16.07
C LEU B 189 -12.15 19.47 -17.37
N HIS B 190 -12.25 20.78 -17.56
CA HIS B 190 -11.65 21.36 -18.77
C HIS B 190 -10.16 21.44 -18.67
N GLU B 191 -9.49 21.12 -19.76
CA GLU B 191 -8.06 21.07 -19.85
C GLU B 191 -7.31 22.38 -19.54
N ARG B 192 -8.00 23.50 -19.46
CA ARG B 192 -7.43 24.80 -19.02
C ARG B 192 -6.94 24.68 -17.52
N ASN B 193 -7.46 23.70 -16.82
CA ASN B 193 -7.14 23.38 -15.42
C ASN B 193 -6.11 22.25 -15.23
N SER B 194 -5.66 21.60 -16.30
CA SER B 194 -4.86 20.38 -16.22
C SER B 194 -3.54 20.58 -15.50
N VAL B 195 -2.75 21.56 -15.95
CA VAL B 195 -1.44 21.74 -15.42
C VAL B 195 -1.58 22.29 -13.99
N TRP B 196 -2.52 23.19 -13.80
CA TRP B 196 -2.77 23.76 -12.50
C TRP B 196 -3.14 22.65 -11.48
N LEU B 197 -4.06 21.80 -11.89
CA LEU B 197 -4.50 20.63 -11.07
C LEU B 197 -3.32 19.78 -10.61
N GLU B 198 -2.50 19.36 -11.57
CA GLU B 198 -1.32 18.62 -11.27
C GLU B 198 -0.42 19.28 -10.25
N GLY B 199 -0.23 20.63 -10.38
CA GLY B 199 0.54 21.35 -9.42
C GLY B 199 -0.05 21.39 -8.03
N ARG B 200 -1.34 21.63 -7.94
CA ARG B 200 -2.02 21.71 -6.65
C ARG B 200 -1.96 20.31 -5.96
N LEU B 201 -2.06 19.27 -6.76
CA LEU B 201 -1.98 17.87 -6.25
C LEU B 201 -0.58 17.60 -5.67
N ARG B 202 0.45 18.00 -6.41
CA ARG B 202 1.82 17.88 -5.89
C ARG B 202 2.02 18.71 -4.59
N SER B 203 1.36 19.88 -4.50
CA SER B 203 1.55 20.76 -3.35
C SER B 203 0.96 20.17 -2.05
N VAL B 204 -0.04 19.31 -2.19
CA VAL B 204 -0.62 18.57 -1.05
C VAL B 204 -0.07 17.15 -0.90
N GLY B 205 1.02 16.84 -1.59
CA GLY B 205 1.71 15.58 -1.45
C GLY B 205 1.08 14.43 -2.20
N ALA B 206 0.24 14.74 -3.19
CA ALA B 206 -0.38 13.71 -4.04
C ALA B 206 0.45 13.50 -5.27
N MET B 207 0.07 12.48 -6.01
CA MET B 207 0.80 12.05 -7.19
C MET B 207 -0.14 12.00 -8.42
N PRO B 208 -0.04 12.98 -9.33
CA PRO B 208 -0.72 12.92 -10.62
C PRO B 208 -0.30 11.72 -11.40
N LEU B 209 -1.23 10.96 -11.96
CA LEU B 209 -0.89 9.74 -12.75
C LEU B 209 -0.99 9.99 -14.24
N TYR B 210 -2.14 10.31 -14.75
CA TYR B 210 -2.23 10.64 -16.19
C TYR B 210 -3.51 11.35 -16.48
N ALA B 211 -3.57 11.90 -17.68
CA ALA B 211 -4.72 12.62 -18.18
C ALA B 211 -5.29 11.80 -19.34
N MET B 212 -6.59 11.58 -19.35
CA MET B 212 -7.20 10.77 -20.35
C MET B 212 -8.13 11.51 -21.32
N ARG B 213 -7.96 11.20 -22.58
CA ARG B 213 -8.87 11.56 -23.67
C ARG B 213 -9.15 10.30 -24.51
N PRO B 214 -10.43 10.03 -24.84
CA PRO B 214 -11.61 10.79 -24.42
C PRO B 214 -11.84 10.77 -22.89
N PRO B 215 -12.54 11.82 -22.37
CA PRO B 215 -12.90 11.74 -20.98
C PRO B 215 -13.95 10.65 -20.68
N MET B 216 -14.19 10.35 -19.43
CA MET B 216 -15.21 9.33 -19.08
C MET B 216 -16.08 9.64 -17.84
N HIS B 217 -17.28 9.07 -17.84
CA HIS B 217 -18.13 9.03 -16.65
C HIS B 217 -18.48 10.42 -16.15
N ALA B 218 -19.51 11.00 -16.74
CA ALA B 218 -19.97 12.25 -16.21
C ALA B 218 -21.45 12.40 -16.49
N ALA B 219 -22.17 12.91 -15.51
CA ALA B 219 -23.56 13.23 -15.69
C ALA B 219 -23.84 14.15 -16.90
N ALA B 220 -22.90 15.02 -17.22
CA ALA B 220 -22.98 15.96 -18.32
C ALA B 220 -22.96 15.27 -19.65
N PHE B 221 -22.59 13.99 -19.67
CA PHE B 221 -22.43 13.25 -20.95
C PHE B 221 -23.68 12.49 -21.51
N GLY B 222 -24.87 13.01 -21.26
CA GLY B 222 -26.12 12.42 -21.69
C GLY B 222 -26.19 12.26 -23.20
N GLY B 223 -25.70 13.24 -23.93
CA GLY B 223 -25.73 13.20 -25.39
C GLY B 223 -24.83 12.14 -25.94
N LEU B 224 -23.73 11.85 -25.23
CA LEU B 224 -22.84 10.72 -25.66
C LEU B 224 -23.55 9.38 -25.45
N ARG B 225 -24.19 9.24 -24.30
CA ARG B 225 -24.98 8.07 -23.98
C ARG B 225 -26.05 7.81 -25.05
N ASP B 226 -26.78 8.85 -25.41
CA ASP B 226 -27.85 8.79 -26.42
C ASP B 226 -27.29 8.27 -27.77
N LYS B 227 -26.17 8.82 -28.18
CA LYS B 227 -25.57 8.45 -29.46
C LYS B 227 -25.09 6.99 -29.46
N ALA B 228 -24.36 6.64 -28.40
CA ALA B 228 -23.87 5.29 -28.22
C ALA B 228 -24.98 4.28 -28.11
N GLU B 229 -26.04 4.63 -27.40
CA GLU B 229 -27.16 3.69 -27.29
C GLU B 229 -27.78 3.43 -28.69
N GLU B 230 -28.05 4.52 -29.40
CA GLU B 230 -28.74 4.39 -30.69
C GLU B 230 -27.91 3.66 -31.75
N GLU B 231 -26.66 4.04 -31.80
CA GLU B 231 -25.73 3.66 -32.87
C GLU B 231 -24.93 2.43 -32.62
N VAL B 232 -24.56 2.16 -31.37
CA VAL B 232 -23.65 1.05 -31.04
C VAL B 232 -24.29 -0.06 -30.22
N ILE B 233 -24.96 0.30 -29.09
CA ILE B 233 -25.41 -0.71 -28.18
C ILE B 233 -26.75 -1.36 -28.43
N ALA B 234 -27.73 -0.54 -28.79
CA ALA B 234 -29.05 -1.01 -28.99
C ALA B 234 -29.10 -2.09 -30.04
N PRO B 235 -28.31 -1.95 -31.10
CA PRO B 235 -28.39 -3.01 -32.12
C PRO B 235 -27.92 -4.41 -31.67
N LEU B 236 -27.23 -4.52 -30.53
CA LEU B 236 -26.67 -5.79 -30.09
C LEU B 236 -27.68 -6.72 -29.42
N THR B 237 -27.43 -8.01 -29.56
CA THR B 237 -28.11 -9.03 -28.76
C THR B 237 -27.31 -9.34 -27.52
N PHE B 238 -27.92 -9.05 -26.36
CA PHE B 238 -27.26 -9.41 -25.11
C PHE B 238 -27.77 -10.77 -24.66
N HIS B 239 -26.94 -11.54 -24.00
CA HIS B 239 -27.36 -12.83 -23.46
C HIS B 239 -27.09 -12.79 -21.95
N ASP B 240 -27.68 -13.70 -21.20
CA ASP B 240 -27.47 -13.80 -19.76
C ASP B 240 -26.03 -14.22 -19.49
N PRO B 241 -25.35 -13.54 -18.54
CA PRO B 241 -23.98 -13.92 -18.21
C PRO B 241 -23.93 -15.35 -17.64
N THR B 242 -22.80 -16.04 -17.84
CA THR B 242 -22.66 -17.41 -17.32
C THR B 242 -22.23 -17.43 -15.84
N LEU B 243 -21.84 -16.27 -15.31
CA LEU B 243 -21.59 -16.07 -13.85
C LEU B 243 -22.21 -14.72 -13.51
N PRO B 244 -22.51 -14.51 -12.24
CA PRO B 244 -22.91 -13.16 -11.82
C PRO B 244 -21.83 -12.06 -12.02
N VAL B 245 -22.30 -10.87 -12.31
CA VAL B 245 -21.50 -9.71 -12.62
C VAL B 245 -21.86 -8.69 -11.55
N VAL B 246 -20.87 -8.11 -10.86
CA VAL B 246 -21.10 -7.05 -9.95
C VAL B 246 -20.94 -5.68 -10.68
N ALA B 247 -22.03 -4.92 -10.75
CA ALA B 247 -22.02 -3.58 -11.36
C ALA B 247 -21.04 -2.61 -10.75
N ASP B 248 -20.32 -1.92 -11.62
CA ASP B 248 -19.32 -0.99 -11.11
C ASP B 248 -19.89 0.39 -10.69
N GLN B 249 -21.15 0.65 -11.00
CA GLN B 249 -21.81 1.88 -10.53
C GLN B 249 -22.11 1.82 -9.06
N ASP B 250 -22.49 0.67 -8.55
CA ASP B 250 -23.08 0.61 -7.20
C ASP B 250 -22.90 -0.76 -6.52
N GLY B 251 -22.18 -1.73 -7.15
CA GLY B 251 -22.07 -3.04 -6.64
C GLY B 251 -23.26 -3.99 -6.69
N LYS B 252 -24.33 -3.60 -7.39
CA LYS B 252 -25.44 -4.54 -7.59
C LYS B 252 -24.99 -5.83 -8.26
N VAL B 253 -25.51 -6.96 -7.81
CA VAL B 253 -25.20 -8.25 -8.47
C VAL B 253 -26.18 -8.41 -9.63
N LEU B 254 -25.65 -8.65 -10.83
CA LEU B 254 -26.43 -8.77 -12.05
C LEU B 254 -26.38 -10.18 -12.56
N THR B 255 -27.50 -10.67 -13.11
CA THR B 255 -27.56 -12.00 -13.71
C THR B 255 -28.20 -12.08 -15.11
N THR B 256 -28.61 -10.94 -15.67
CA THR B 256 -29.27 -10.93 -16.98
C THR B 256 -28.51 -10.12 -18.02
N GLY B 257 -28.70 -10.50 -19.30
CA GLY B 257 -28.28 -9.68 -20.41
C GLY B 257 -28.77 -8.26 -20.29
N ASP B 258 -30.06 -8.09 -20.03
CA ASP B 258 -30.53 -6.72 -19.86
C ASP B 258 -29.78 -5.86 -18.82
N GLU B 259 -29.39 -6.46 -17.70
CA GLU B 259 -28.66 -5.74 -16.61
C GLU B 259 -27.27 -5.35 -17.02
N VAL B 260 -26.66 -6.23 -17.82
CA VAL B 260 -25.33 -5.94 -18.30
C VAL B 260 -25.39 -4.81 -19.31
N ARG B 261 -26.40 -4.85 -20.20
CA ARG B 261 -26.62 -3.83 -21.16
C ARG B 261 -26.82 -2.47 -20.41
N THR B 262 -27.65 -2.47 -19.38
CA THR B 262 -27.82 -1.26 -18.54
C THR B 262 -26.56 -0.73 -17.91
N MET B 263 -25.77 -1.66 -17.39
CA MET B 263 -24.50 -1.25 -16.81
C MET B 263 -23.68 -0.49 -17.86
N LEU B 264 -23.56 -1.03 -19.08
CA LEU B 264 -22.78 -0.33 -20.04
C LEU B 264 -23.30 1.04 -20.39
N LEU B 265 -24.62 1.15 -20.37
CA LEU B 265 -25.30 2.36 -20.78
C LEU B 265 -25.28 3.40 -19.65
N GLU B 266 -25.20 2.93 -18.42
CA GLU B 266 -25.05 3.87 -17.29
C GLU B 266 -23.64 4.41 -17.13
N SER B 267 -22.65 3.71 -17.68
CA SER B 267 -21.26 4.04 -17.49
C SER B 267 -20.91 5.42 -18.03
N PHE B 268 -21.61 5.85 -19.10
CA PHE B 268 -21.30 7.16 -19.69
C PHE B 268 -21.59 8.28 -18.71
N VAL B 269 -22.65 8.06 -17.92
CA VAL B 269 -23.26 9.15 -17.09
C VAL B 269 -23.15 8.98 -15.56
N ARG B 270 -22.53 7.89 -15.04
CA ARG B 270 -22.43 7.59 -13.62
C ARG B 270 -20.98 7.26 -13.34
N PRO B 271 -20.48 7.60 -12.17
CA PRO B 271 -19.10 7.30 -11.83
C PRO B 271 -18.83 5.87 -11.51
N LEU B 272 -17.61 5.45 -11.72
CA LEU B 272 -17.13 4.21 -11.19
C LEU B 272 -17.09 4.38 -9.66
N ARG B 273 -17.59 3.41 -8.91
CA ARG B 273 -17.46 3.43 -7.44
C ARG B 273 -16.84 2.11 -6.97
N TRP B 274 -15.53 2.03 -7.03
CA TRP B 274 -14.82 0.82 -6.76
C TRP B 274 -14.93 0.29 -5.30
N PRO B 275 -14.97 1.21 -4.32
CA PRO B 275 -15.26 0.74 -2.96
C PRO B 275 -16.62 -0.01 -2.83
N ASP B 276 -17.72 0.43 -3.50
CA ASP B 276 -18.96 -0.31 -3.49
C ASP B 276 -18.79 -1.69 -4.16
N VAL B 277 -18.03 -1.74 -5.24
CA VAL B 277 -17.72 -3.03 -5.84
C VAL B 277 -17.05 -3.99 -4.80
N ILE B 278 -16.01 -3.50 -4.18
CA ILE B 278 -15.24 -4.28 -3.20
C ILE B 278 -16.16 -4.72 -2.05
N SER B 279 -16.92 -3.74 -1.49
CA SER B 279 -17.88 -4.06 -0.44
C SER B 279 -18.87 -5.15 -0.84
N SER B 280 -19.37 -5.08 -2.08
CA SER B 280 -20.31 -5.98 -2.49
C SER B 280 -19.69 -7.36 -2.61
N LEU B 281 -18.44 -7.38 -3.12
CA LEU B 281 -17.71 -8.61 -3.25
C LEU B 281 -17.43 -9.21 -1.84
N GLN B 282 -17.22 -8.38 -0.86
CA GLN B 282 -17.09 -8.88 0.51
C GLN B 282 -18.37 -9.55 1.00
N ASP B 283 -19.51 -8.92 0.76
CA ASP B 283 -20.79 -9.43 1.18
C ASP B 283 -21.10 -10.75 0.53
N GLN B 284 -20.55 -10.94 -0.70
CA GLN B 284 -20.73 -12.15 -1.45
C GLN B 284 -19.84 -13.33 -1.04
N GLY B 285 -18.95 -13.12 -0.09
CA GLY B 285 -18.15 -14.17 0.45
C GLY B 285 -16.89 -14.36 -0.34
N VAL B 286 -16.50 -13.35 -1.10
CA VAL B 286 -15.22 -13.37 -1.83
C VAL B 286 -14.05 -13.25 -0.86
N THR B 287 -13.01 -14.05 -1.11
CA THR B 287 -11.79 -13.91 -0.36
C THR B 287 -10.55 -13.74 -1.25
N ARG B 288 -10.67 -14.12 -2.54
CA ARG B 288 -9.55 -14.03 -3.42
C ARG B 288 -10.05 -13.48 -4.77
N VAL B 289 -9.23 -12.60 -5.34
CA VAL B 289 -9.50 -12.06 -6.68
C VAL B 289 -8.36 -12.24 -7.66
N CYS B 290 -8.73 -12.44 -8.93
CA CYS B 290 -7.81 -12.38 -10.00
C CYS B 290 -8.04 -11.14 -10.82
N VAL B 291 -7.02 -10.30 -10.91
CA VAL B 291 -7.05 -9.15 -11.76
C VAL B 291 -6.45 -9.49 -13.11
N ALA B 292 -7.32 -9.49 -14.12
CA ALA B 292 -6.95 -10.02 -15.44
C ALA B 292 -6.63 -8.88 -16.40
N GLY B 293 -5.36 -8.75 -16.70
CA GLY B 293 -4.93 -7.77 -17.69
C GLY B 293 -3.54 -7.23 -17.52
N PRO B 294 -3.13 -6.38 -18.47
CA PRO B 294 -2.03 -5.47 -18.13
C PRO B 294 -2.68 -4.55 -17.12
N ASP B 295 -2.12 -4.48 -15.95
CA ASP B 295 -2.66 -3.53 -15.03
C ASP B 295 -1.51 -3.09 -14.14
N SER B 296 -1.69 -1.93 -13.55
CA SER B 296 -0.71 -1.38 -12.63
C SER B 296 -1.44 -0.61 -11.52
N LEU B 297 -2.75 -0.81 -11.40
CA LEU B 297 -3.57 0.14 -10.66
C LEU B 297 -4.47 -0.63 -9.73
N PHE B 298 -5.46 -1.29 -10.35
CA PHE B 298 -6.57 -1.95 -9.67
C PHE B 298 -6.09 -3.19 -8.95
N GLY B 299 -5.00 -3.73 -9.50
CA GLY B 299 -4.31 -4.87 -8.93
C GLY B 299 -3.63 -4.47 -7.66
N ARG B 300 -3.12 -3.24 -7.58
CA ARG B 300 -2.34 -2.88 -6.44
C ARG B 300 -3.09 -1.93 -5.57
N VAL B 301 -4.26 -1.47 -5.94
CA VAL B 301 -4.89 -0.47 -5.08
C VAL B 301 -5.34 -1.05 -3.73
N GLY B 302 -5.24 -0.22 -2.70
CA GLY B 302 -5.49 -0.62 -1.33
C GLY B 302 -6.88 -1.11 -1.15
N THR B 303 -7.85 -0.48 -1.82
CA THR B 303 -9.28 -0.89 -1.69
C THR B 303 -9.34 -2.42 -1.92
N THR B 304 -8.63 -2.90 -2.95
CA THR B 304 -8.60 -4.27 -3.29
C THR B 304 -7.71 -5.17 -2.38
N THR B 305 -6.48 -4.74 -2.22
CA THR B 305 -5.51 -5.49 -1.45
C THR B 305 -5.76 -5.50 0.08
N ARG B 306 -6.47 -4.54 0.69
CA ARG B 306 -6.78 -4.66 2.11
C ARG B 306 -7.90 -5.71 2.27
N ALA B 307 -8.75 -5.92 1.23
CA ALA B 307 -9.84 -6.84 1.36
C ALA B 307 -9.55 -8.26 1.01
N PHE B 308 -8.73 -8.47 -0.02
CA PHE B 308 -8.65 -9.77 -0.69
C PHE B 308 -7.19 -10.14 -0.95
N GLU B 309 -6.95 -11.43 -1.05
CA GLU B 309 -5.75 -11.97 -1.68
C GLU B 309 -5.90 -11.66 -3.20
N VAL B 310 -4.88 -11.08 -3.78
CA VAL B 310 -4.91 -10.70 -5.17
C VAL B 310 -3.93 -11.55 -6.00
N ILE B 311 -4.40 -12.05 -7.11
CA ILE B 311 -3.55 -12.67 -8.13
C ILE B 311 -3.56 -11.72 -9.34
N ALA B 312 -2.39 -11.21 -9.72
CA ALA B 312 -2.30 -10.30 -10.86
C ALA B 312 -1.96 -11.14 -12.13
N ALA B 313 -2.96 -11.47 -12.97
CA ALA B 313 -2.73 -12.24 -14.20
C ALA B 313 -2.37 -11.27 -15.30
N THR B 314 -1.07 -11.07 -15.47
CA THR B 314 -0.47 -10.09 -16.35
C THR B 314 0.22 -10.86 -17.54
N PRO B 315 0.50 -10.15 -18.62
CA PRO B 315 1.24 -10.74 -19.75
C PRO B 315 2.54 -11.45 -19.36
N ARG B 316 3.30 -10.76 -18.50
CA ARG B 316 4.58 -11.25 -17.92
C ARG B 316 4.39 -12.54 -17.14
N LEU B 317 3.34 -12.64 -16.34
CA LEU B 317 3.08 -13.87 -15.64
C LEU B 317 2.73 -15.01 -16.59
N ALA B 318 1.88 -14.74 -17.58
CA ALA B 318 1.43 -15.75 -18.53
C ALA B 318 2.54 -16.25 -19.46
N LEU B 319 3.63 -15.51 -19.53
CA LEU B 319 4.76 -15.92 -20.37
C LEU B 319 5.81 -16.76 -19.62
N GLN B 320 5.75 -16.87 -18.30
CA GLN B 320 6.83 -17.52 -17.55
C GLN B 320 7.01 -19.05 -17.73
#